data_6KOK
#
_entry.id   6KOK
#
_cell.length_a   40.103
_cell.length_b   47.910
_cell.length_c   87.309
_cell.angle_alpha   90.000
_cell.angle_beta   94.390
_cell.angle_gamma   90.000
#
_symmetry.space_group_name_H-M   'P 1 21 1'
#
loop_
_entity.id
_entity.type
_entity.pdbx_description
1 polymer 'Sorting nexin-11,Uncharacterized protein SNX10'
2 non-polymer 'CHLORIDE ION'
3 non-polymer 'SODIUM ION'
4 water water
#
_entity_poly.entity_id   1
_entity_poly.type   'polypeptide(L)'
_entity_poly.pdbx_seq_one_letter_code
;MSENQEQEEVITVRVQDPRVQNEGSWNSYVDYKIFLHTNSKAFTAKTSCVRRRYREFVWLRKQLQRNAGLVPVPELPGKS
TFFGTSDEFIEKRRQGLQHFLEKVLQSVVLLSDSQLHLFLQSQLSVPEIEACVSGQTKYSVEEAIHKFALMNLEHHHHHH
;
_entity_poly.pdbx_strand_id   A,B
#
# COMPACT_ATOMS: atom_id res chain seq x y z
N GLU A 9 29.84 9.87 -7.64
CA GLU A 9 28.52 9.96 -7.03
C GLU A 9 27.45 9.33 -7.93
N VAL A 10 26.88 8.21 -7.48
CA VAL A 10 25.85 7.54 -8.24
C VAL A 10 24.63 8.44 -8.43
N ILE A 11 24.37 9.31 -7.45
CA ILE A 11 23.24 10.24 -7.49
C ILE A 11 23.82 11.63 -7.31
N THR A 12 23.54 12.51 -8.27
CA THR A 12 23.92 13.91 -8.18
C THR A 12 22.75 14.71 -7.61
N VAL A 13 22.99 15.45 -6.54
CA VAL A 13 21.96 16.29 -5.93
C VAL A 13 22.58 17.64 -5.57
N ARG A 14 21.83 18.71 -5.83
CA ARG A 14 22.27 20.06 -5.54
C ARG A 14 21.08 20.85 -5.04
N VAL A 15 21.22 21.50 -3.89
CA VAL A 15 20.23 22.45 -3.39
C VAL A 15 20.74 23.84 -3.76
N GLN A 16 19.96 24.56 -4.57
CA GLN A 16 20.44 25.79 -5.18
C GLN A 16 19.32 26.83 -5.20
N ASP A 17 19.66 28.01 -5.72
CA ASP A 17 18.70 29.05 -6.05
C ASP A 17 17.70 29.34 -4.94
N PRO A 18 18.17 29.69 -3.74
CA PRO A 18 17.23 30.02 -2.67
C PRO A 18 16.61 31.39 -2.90
N ARG A 19 15.32 31.50 -2.60
CA ARG A 19 14.56 32.70 -2.91
C ARG A 19 13.54 32.98 -1.83
N VAL A 20 13.35 34.26 -1.51
CA VAL A 20 12.30 34.71 -0.61
C VAL A 20 11.04 34.91 -1.45
N GLN A 21 10.03 34.07 -1.21
CA GLN A 21 8.80 34.13 -2.00
C GLN A 21 7.76 34.99 -1.30
N ASN A 22 7.00 35.75 -2.08
CA ASN A 22 5.98 36.66 -1.56
C ASN A 22 6.58 37.62 -0.54
N GLU A 23 7.67 38.27 -0.94
CA GLU A 23 8.48 39.06 -0.01
C GLU A 23 7.67 40.21 0.56
N GLY A 24 7.66 40.32 1.89
CA GLY A 24 7.01 41.40 2.59
C GLY A 24 5.60 41.11 3.06
N SER A 25 4.99 40.03 2.61
CA SER A 25 3.61 39.72 2.97
C SER A 25 3.56 38.86 4.23
N TRP A 26 2.34 38.68 4.76
CA TRP A 26 2.18 37.95 6.01
C TRP A 26 2.72 36.52 5.93
N ASN A 27 2.67 35.93 4.74
CA ASN A 27 3.01 34.52 4.56
C ASN A 27 4.21 34.36 3.63
N SER A 28 5.15 35.29 3.70
CA SER A 28 6.40 35.14 2.97
CA SER A 28 6.39 35.13 2.96
C SER A 28 7.15 33.91 3.46
N TYR A 29 7.97 33.33 2.59
CA TYR A 29 8.75 32.15 2.93
C TYR A 29 9.96 32.06 2.02
N VAL A 30 10.93 31.26 2.46
CA VAL A 30 12.11 30.96 1.66
C VAL A 30 11.99 29.52 1.19
N ASP A 31 12.25 29.28 -0.08
CA ASP A 31 12.34 27.90 -0.55
C ASP A 31 13.61 27.70 -1.35
N TYR A 32 13.90 26.44 -1.62
CA TYR A 32 15.19 26.02 -2.16
C TYR A 32 14.94 25.09 -3.34
N LYS A 33 15.69 25.32 -4.41
CA LYS A 33 15.59 24.51 -5.61
C LYS A 33 16.44 23.25 -5.44
N ILE A 34 15.83 22.08 -5.63
CA ILE A 34 16.51 20.79 -5.48
C ILE A 34 16.65 20.19 -6.86
N PHE A 35 17.89 20.01 -7.31
CA PHE A 35 18.19 19.41 -8.61
C PHE A 35 18.79 18.03 -8.39
N LEU A 36 18.25 17.03 -9.08
CA LEU A 36 18.72 15.66 -8.96
C LEU A 36 18.90 15.06 -10.35
N HIS A 37 19.97 14.29 -10.52
CA HIS A 37 20.18 13.54 -11.75
C HIS A 37 20.88 12.23 -11.42
N THR A 38 20.32 11.12 -11.87
CA THR A 38 20.93 9.82 -11.62
C THR A 38 20.45 8.84 -12.67
N ASN A 39 21.27 7.81 -12.93
CA ASN A 39 20.87 6.67 -13.72
C ASN A 39 20.38 5.51 -12.86
N SER A 40 20.31 5.70 -11.54
CA SER A 40 19.88 4.64 -10.64
C SER A 40 18.46 4.19 -10.95
N LYS A 41 18.26 2.87 -10.93
CA LYS A 41 16.95 2.30 -11.22
C LYS A 41 15.93 2.63 -10.14
N ALA A 42 16.38 3.05 -8.96
CA ALA A 42 15.47 3.38 -7.86
C ALA A 42 14.65 4.63 -8.12
N PHE A 43 15.01 5.42 -9.13
CA PHE A 43 14.36 6.71 -9.39
C PHE A 43 13.57 6.63 -10.69
N THR A 44 12.33 7.11 -10.65
CA THR A 44 11.44 7.05 -11.81
C THR A 44 11.84 8.06 -12.88
N ALA A 45 12.19 9.28 -12.47
CA ALA A 45 12.60 10.34 -13.40
C ALA A 45 14.11 10.42 -13.43
N LYS A 46 14.68 10.41 -14.63
CA LYS A 46 16.13 10.34 -14.73
C LYS A 46 16.75 11.67 -14.27
N THR A 47 15.97 12.77 -14.35
CA THR A 47 16.33 14.13 -13.88
C THR A 47 15.11 14.79 -13.26
N SER A 48 15.32 15.64 -12.26
CA SER A 48 14.20 16.33 -11.62
C SER A 48 14.62 17.67 -11.03
N CYS A 49 13.64 18.58 -10.91
CA CYS A 49 13.88 19.90 -10.34
CA CYS A 49 13.87 19.91 -10.34
C CYS A 49 12.62 20.34 -9.60
N VAL A 50 12.73 20.51 -8.28
CA VAL A 50 11.60 20.91 -7.44
C VAL A 50 12.04 22.04 -6.51
N ARG A 51 11.07 22.63 -5.82
CA ARG A 51 11.31 23.67 -4.83
C ARG A 51 10.67 23.24 -3.52
N ARG A 52 11.40 23.41 -2.42
CA ARG A 52 10.93 22.98 -1.10
C ARG A 52 11.44 23.96 -0.05
N ARG A 53 10.63 24.17 0.97
CA ARG A 53 11.01 25.03 2.09
C ARG A 53 11.55 24.19 3.24
N TYR A 54 12.20 24.87 4.18
CA TYR A 54 12.88 24.17 5.27
C TYR A 54 11.91 23.33 6.10
N ARG A 55 10.69 23.84 6.34
CA ARG A 55 9.72 23.11 7.15
C ARG A 55 9.39 21.75 6.53
N GLU A 56 9.45 21.63 5.21
CA GLU A 56 9.21 20.34 4.56
C GLU A 56 10.40 19.40 4.74
N PHE A 57 11.62 19.94 4.80
CA PHE A 57 12.79 19.11 5.11
C PHE A 57 12.68 18.52 6.52
N VAL A 58 12.19 19.32 7.47
CA VAL A 58 12.02 18.83 8.84
C VAL A 58 11.06 17.66 8.88
N TRP A 59 9.96 17.76 8.12
CA TRP A 59 9.03 16.63 8.01
C TRP A 59 9.72 15.45 7.35
N LEU A 60 10.53 15.70 6.31
CA LEU A 60 11.17 14.60 5.58
C LEU A 60 12.13 13.82 6.47
N ARG A 61 12.87 14.51 7.34
CA ARG A 61 13.79 13.79 8.22
C ARG A 61 13.03 12.86 9.17
N LYS A 62 11.88 13.32 9.68
CA LYS A 62 11.05 12.47 10.55
C LYS A 62 10.61 11.20 9.83
N GLN A 63 10.23 11.31 8.55
CA GLN A 63 9.87 10.12 7.79
C GLN A 63 11.03 9.16 7.66
N LEU A 64 12.23 9.70 7.40
CA LEU A 64 13.39 8.86 7.15
C LEU A 64 13.85 8.12 8.41
N GLN A 65 13.62 8.71 9.58
CA GLN A 65 14.04 8.12 10.84
C GLN A 65 13.19 6.92 11.24
N ARG A 66 12.16 6.58 10.47
CA ARG A 66 11.34 5.41 10.72
CA ARG A 66 11.33 5.41 10.72
C ARG A 66 11.78 4.21 9.89
N ASN A 67 12.96 4.27 9.29
CA ASN A 67 13.43 3.24 8.37
C ASN A 67 13.68 1.91 9.09
N ALA A 68 13.72 0.85 8.30
CA ALA A 68 13.79 -0.52 8.81
C ALA A 68 15.19 -0.99 9.11
N GLY A 69 16.21 -0.28 8.67
CA GLY A 69 17.57 -0.60 9.02
C GLY A 69 18.09 0.10 10.26
N LEU A 70 17.26 0.95 10.87
CA LEU A 70 17.71 1.79 11.99
C LEU A 70 18.94 2.60 11.60
N VAL A 71 19.03 2.95 10.32
CA VAL A 71 20.19 3.71 9.83
C VAL A 71 20.06 5.16 10.30
N PRO A 72 21.15 5.79 10.74
CA PRO A 72 21.06 7.20 11.15
C PRO A 72 20.70 8.08 9.96
N VAL A 73 19.95 9.13 10.25
CA VAL A 73 19.57 10.15 9.27
C VAL A 73 20.40 11.39 9.53
N PRO A 74 21.05 11.96 8.52
CA PRO A 74 21.88 13.15 8.74
C PRO A 74 21.09 14.30 9.32
N GLU A 75 21.79 15.15 10.08
CA GLU A 75 21.15 16.26 10.75
C GLU A 75 20.82 17.37 9.78
N LEU A 76 19.79 18.12 10.09
CA LEU A 76 19.45 19.31 9.32
C LEU A 76 20.02 20.55 9.99
N PRO A 77 20.14 21.65 9.25
CA PRO A 77 20.42 22.94 9.90
C PRO A 77 19.36 23.24 10.96
N GLY A 78 19.76 24.00 11.97
CA GLY A 78 18.88 24.24 13.09
C GLY A 78 17.64 25.02 12.71
N LYS A 79 16.63 24.89 13.57
CA LYS A 79 15.44 25.73 13.47
C LYS A 79 15.76 27.12 14.03
N SER A 80 15.03 28.11 13.54
CA SER A 80 15.27 29.51 13.87
C SER A 80 14.20 30.02 14.82
N THR A 81 14.60 30.94 15.70
CA THR A 81 13.67 31.67 16.56
C THR A 81 13.15 32.93 15.89
N PHE A 82 13.39 33.09 14.59
CA PHE A 82 12.93 34.22 13.81
C PHE A 82 12.82 33.79 12.36
N PHE A 83 12.13 34.59 11.56
CA PHE A 83 12.07 34.34 10.13
C PHE A 83 13.32 34.93 9.48
N GLY A 84 14.26 34.05 9.11
CA GLY A 84 15.54 34.50 8.60
C GLY A 84 15.55 34.72 7.09
N THR A 85 15.95 35.92 6.67
CA THR A 85 16.05 36.26 5.26
C THR A 85 17.41 36.81 4.84
N SER A 86 18.40 36.83 5.74
CA SER A 86 19.71 37.34 5.39
CA SER A 86 19.71 37.34 5.38
C SER A 86 20.41 36.40 4.42
N ASP A 87 21.27 36.98 3.57
CA ASP A 87 21.99 36.17 2.59
C ASP A 87 22.84 35.11 3.29
N GLU A 88 23.48 35.48 4.41
CA GLU A 88 24.31 34.52 5.12
C GLU A 88 23.48 33.43 5.77
N PHE A 89 22.35 33.81 6.39
CA PHE A 89 21.46 32.82 6.98
C PHE A 89 20.98 31.82 5.93
N ILE A 90 20.59 32.33 4.77
CA ILE A 90 20.01 31.48 3.73
C ILE A 90 21.08 30.58 3.11
N GLU A 91 22.30 31.10 2.94
CA GLU A 91 23.36 30.29 2.32
C GLU A 91 23.78 29.14 3.23
N LYS A 92 23.92 29.38 4.52
CA LYS A 92 24.32 28.31 5.42
C LYS A 92 23.25 27.25 5.56
N ARG A 93 21.99 27.67 5.58
CA ARG A 93 20.89 26.71 5.55
C ARG A 93 20.89 25.95 4.23
N ARG A 94 21.21 26.63 3.12
CA ARG A 94 21.32 25.96 1.82
C ARG A 94 22.47 24.95 1.82
N GLN A 95 23.60 25.29 2.43
CA GLN A 95 24.72 24.33 2.50
C GLN A 95 24.35 23.10 3.30
N GLY A 96 23.73 23.30 4.47
CA GLY A 96 23.33 22.17 5.29
C GLY A 96 22.30 21.27 4.64
N LEU A 97 21.37 21.87 3.88
CA LEU A 97 20.37 21.06 3.19
C LEU A 97 21.02 20.19 2.12
N GLN A 98 22.01 20.73 1.41
CA GLN A 98 22.69 19.94 0.39
C GLN A 98 23.48 18.80 1.01
N HIS A 99 24.16 19.07 2.14
CA HIS A 99 24.86 18.01 2.86
C HIS A 99 23.89 16.94 3.33
N PHE A 100 22.75 17.36 3.88
CA PHE A 100 21.71 16.41 4.31
C PHE A 100 21.31 15.49 3.17
N LEU A 101 20.95 16.05 2.01
CA LEU A 101 20.51 15.23 0.89
C LEU A 101 21.65 14.38 0.34
N GLU A 102 22.85 14.96 0.22
CA GLU A 102 23.99 14.17 -0.26
C GLU A 102 24.22 12.95 0.62
N LYS A 103 24.07 13.11 1.93
CA LYS A 103 24.26 11.98 2.84
C LYS A 103 23.11 10.98 2.74
N VAL A 104 21.87 11.48 2.68
CA VAL A 104 20.71 10.60 2.60
C VAL A 104 20.81 9.69 1.38
N LEU A 105 21.23 10.24 0.25
CA LEU A 105 21.23 9.52 -1.02
C LEU A 105 22.39 8.55 -1.15
N GLN A 106 23.22 8.39 -0.12
CA GLN A 106 24.25 7.37 -0.10
C GLN A 106 23.81 6.10 0.64
N SER A 107 22.59 6.08 1.16
CA SER A 107 22.06 4.96 1.94
C SER A 107 21.04 4.21 1.09
N VAL A 108 21.32 2.92 0.83
CA VAL A 108 20.36 2.09 0.12
C VAL A 108 19.03 2.03 0.85
N VAL A 109 19.07 1.90 2.19
CA VAL A 109 17.84 1.78 2.96
C VAL A 109 16.97 3.03 2.80
N LEU A 110 17.58 4.22 2.90
CA LEU A 110 16.80 5.44 2.74
C LEU A 110 16.26 5.61 1.32
N LEU A 111 16.90 4.98 0.33
CA LEU A 111 16.39 5.03 -1.04
C LEU A 111 15.09 4.27 -1.22
N SER A 112 14.67 3.47 -0.23
CA SER A 112 13.38 2.83 -0.25
C SER A 112 12.26 3.68 0.32
N ASP A 113 12.58 4.88 0.80
CA ASP A 113 11.59 5.77 1.40
C ASP A 113 10.77 6.40 0.27
N SER A 114 9.49 6.04 0.20
CA SER A 114 8.63 6.56 -0.87
C SER A 114 8.38 8.06 -0.71
N GLN A 115 8.28 8.55 0.53
CA GLN A 115 8.09 10.00 0.74
C GLN A 115 9.26 10.79 0.17
N LEU A 116 10.49 10.30 0.37
CA LEU A 116 11.67 10.97 -0.18
C LEU A 116 11.59 11.12 -1.68
N HIS A 117 11.11 10.08 -2.37
CA HIS A 117 11.06 10.13 -3.83
C HIS A 117 10.03 11.15 -4.31
N LEU A 118 8.89 11.25 -3.62
CA LEU A 118 7.90 12.26 -3.97
C LEU A 118 8.34 13.65 -3.52
N PHE A 119 9.07 13.73 -2.40
CA PHE A 119 9.69 14.98 -1.98
C PHE A 119 10.63 15.52 -3.07
N LEU A 120 11.39 14.63 -3.69
CA LEU A 120 12.47 15.03 -4.60
C LEU A 120 12.02 15.15 -6.04
N GLN A 121 11.01 14.38 -6.48
CA GLN A 121 10.71 14.28 -7.90
C GLN A 121 9.27 14.66 -8.23
N SER A 122 8.56 15.30 -7.30
CA SER A 122 7.25 15.88 -7.59
C SER A 122 7.12 17.17 -6.79
N GLN A 123 6.05 17.91 -7.07
CA GLN A 123 5.70 19.07 -6.27
C GLN A 123 4.44 18.83 -5.44
N LEU A 124 4.14 17.57 -5.14
CA LEU A 124 3.04 17.26 -4.24
CA LEU A 124 3.04 17.26 -4.24
C LEU A 124 3.30 17.87 -2.86
N SER A 125 2.24 18.38 -2.24
CA SER A 125 2.40 18.91 -0.89
C SER A 125 2.67 17.75 0.08
N VAL A 126 3.11 18.11 1.28
CA VAL A 126 3.34 17.09 2.30
C VAL A 126 2.07 16.25 2.55
N PRO A 127 0.89 16.85 2.79
CA PRO A 127 -0.31 16.00 2.93
C PRO A 127 -0.60 15.15 1.70
N GLU A 128 -0.33 15.67 0.50
CA GLU A 128 -0.58 14.87 -0.70
C GLU A 128 0.34 13.66 -0.76
N ILE A 129 1.62 13.84 -0.38
CA ILE A 129 2.54 12.72 -0.29
C ILE A 129 2.03 11.69 0.72
N GLU A 130 1.65 12.16 1.91
CA GLU A 130 1.13 11.26 2.93
C GLU A 130 -0.06 10.45 2.41
N ALA A 131 -0.98 11.12 1.69
CA ALA A 131 -2.14 10.41 1.15
C ALA A 131 -1.73 9.43 0.07
N CYS A 132 -0.75 9.81 -0.77
CA CYS A 132 -0.35 8.95 -1.86
C CYS A 132 0.36 7.70 -1.36
N VAL A 133 1.27 7.85 -0.39
CA VAL A 133 2.00 6.69 0.12
C VAL A 133 1.21 5.87 1.13
N SER A 134 -0.04 6.27 1.42
CA SER A 134 -0.92 5.50 2.27
C SER A 134 -2.06 4.86 1.48
N GLY A 135 -1.98 4.87 0.16
CA GLY A 135 -2.99 4.23 -0.67
C GLY A 135 -4.28 4.98 -0.83
N GLN A 136 -4.28 6.30 -0.63
CA GLN A 136 -5.49 7.09 -0.65
C GLN A 136 -5.62 7.94 -1.91
N THR A 137 -4.82 7.68 -2.94
CA THR A 137 -4.89 8.43 -4.18
C THR A 137 -5.17 7.49 -5.34
N LYS A 138 -5.64 8.07 -6.44
CA LYS A 138 -5.87 7.30 -7.66
C LYS A 138 -4.57 6.91 -8.33
N TYR A 139 -3.51 7.69 -8.12
CA TYR A 139 -2.24 7.51 -8.80
C TYR A 139 -1.22 6.82 -7.89
N SER A 140 -0.29 6.11 -8.51
CA SER A 140 0.84 5.53 -7.81
C SER A 140 1.94 6.57 -7.63
N VAL A 141 2.90 6.24 -6.75
CA VAL A 141 4.08 7.09 -6.60
C VAL A 141 4.76 7.29 -7.95
N GLU A 142 4.96 6.19 -8.69
CA GLU A 142 5.66 6.26 -9.97
C GLU A 142 4.88 7.07 -10.99
N GLU A 143 3.55 6.95 -10.98
CA GLU A 143 2.72 7.73 -11.91
C GLU A 143 2.82 9.22 -11.62
N ALA A 144 2.77 9.60 -10.34
CA ALA A 144 2.87 11.02 -9.99
C ALA A 144 4.20 11.60 -10.43
N ILE A 145 5.30 10.86 -10.21
CA ILE A 145 6.62 11.36 -10.57
C ILE A 145 6.77 11.45 -12.08
N HIS A 146 6.25 10.46 -12.81
CA HIS A 146 6.34 10.49 -14.26
C HIS A 146 5.52 11.64 -14.85
N LYS A 147 4.32 11.88 -14.31
CA LYS A 147 3.51 12.99 -14.81
C LYS A 147 4.18 14.32 -14.56
N PHE A 148 4.75 14.51 -13.36
CA PHE A 148 5.51 15.73 -13.08
C PHE A 148 6.66 15.89 -14.07
N ALA A 149 7.36 14.79 -14.40
CA ALA A 149 8.49 14.88 -15.31
C ALA A 149 8.06 15.37 -16.68
N LEU A 150 6.90 14.91 -17.15
CA LEU A 150 6.36 15.39 -18.42
C LEU A 150 5.91 16.85 -18.31
N MET A 151 5.33 17.22 -17.16
CA MET A 151 4.79 18.56 -16.97
C MET A 151 5.87 19.61 -16.75
N ASN A 152 7.01 19.22 -16.18
CA ASN A 152 7.96 20.18 -15.63
C ASN A 152 9.25 20.29 -16.43
N LEU A 153 9.44 19.48 -17.47
CA LEU A 153 10.62 19.61 -18.31
C LEU A 153 10.66 21.02 -18.91
N GLU A 154 11.83 21.66 -18.81
CA GLU A 154 12.01 22.96 -19.46
C GLU A 154 13.38 23.08 -20.10
N HIS A 155 14.07 21.95 -20.31
CA HIS A 155 15.30 21.90 -21.11
C HIS A 155 16.44 22.69 -20.47
N HIS A 156 16.60 22.58 -19.15
CA HIS A 156 17.72 23.20 -18.48
C HIS A 156 18.91 22.27 -18.26
N HIS A 157 18.81 20.99 -18.62
CA HIS A 157 19.83 20.03 -18.24
C HIS A 157 20.17 19.12 -19.41
N HIS A 158 21.32 19.37 -20.01
CA HIS A 158 21.79 18.63 -21.17
C HIS A 158 22.37 17.29 -20.74
N HIS A 159 22.16 16.27 -21.57
CA HIS A 159 22.76 14.96 -21.31
CA HIS A 159 22.76 14.96 -21.31
C HIS A 159 24.28 15.07 -21.31
N HIS A 160 24.93 14.11 -20.67
CA HIS A 160 26.39 14.11 -20.59
C HIS A 160 27.02 13.23 -21.66
N GLU B 9 -18.06 -2.60 8.59
CA GLU B 9 -17.93 -3.02 9.98
C GLU B 9 -19.22 -3.72 10.39
N VAL B 10 -20.15 -3.83 9.43
CA VAL B 10 -21.31 -4.68 9.63
C VAL B 10 -20.88 -6.15 9.69
N ILE B 11 -20.00 -6.55 8.78
CA ILE B 11 -19.47 -7.91 8.74
C ILE B 11 -17.94 -7.82 8.76
N THR B 12 -17.33 -8.40 9.79
CA THR B 12 -15.87 -8.49 9.85
C THR B 12 -15.43 -9.82 9.24
N VAL B 13 -14.47 -9.75 8.32
CA VAL B 13 -13.89 -10.94 7.70
C VAL B 13 -12.38 -10.77 7.63
N ARG B 14 -11.66 -11.84 7.90
CA ARG B 14 -10.20 -11.84 7.84
C ARG B 14 -9.73 -13.16 7.23
N VAL B 15 -8.63 -13.08 6.50
CA VAL B 15 -7.89 -14.26 6.03
C VAL B 15 -6.56 -14.23 6.76
N GLN B 16 -6.26 -15.28 7.51
CA GLN B 16 -5.13 -15.27 8.44
CA GLN B 16 -5.15 -15.28 8.46
C GLN B 16 -4.51 -16.67 8.51
N ASP B 17 -3.42 -16.76 9.26
CA ASP B 17 -2.70 -17.99 9.60
C ASP B 17 -2.59 -18.98 8.43
N PRO B 18 -1.97 -18.60 7.31
CA PRO B 18 -1.81 -19.55 6.21
C PRO B 18 -0.84 -20.65 6.60
N ARG B 19 -1.13 -21.87 6.13
CA ARG B 19 -0.33 -23.03 6.47
C ARG B 19 -0.12 -23.88 5.23
N VAL B 20 1.13 -24.22 4.94
CA VAL B 20 1.46 -25.05 3.79
C VAL B 20 1.11 -26.50 4.11
N GLN B 21 0.33 -27.13 3.24
CA GLN B 21 -0.02 -28.54 3.37
C GLN B 21 0.86 -29.37 2.45
N ASN B 22 1.33 -30.51 2.96
CA ASN B 22 2.25 -31.39 2.22
C ASN B 22 3.49 -30.61 1.76
N GLU B 23 4.13 -29.92 2.69
CA GLU B 23 5.25 -29.05 2.36
C GLU B 23 6.40 -29.84 1.76
N GLY B 24 7.06 -29.25 0.76
CA GLY B 24 8.16 -29.89 0.08
C GLY B 24 7.76 -30.87 -1.00
N SER B 25 6.48 -31.23 -1.10
CA SER B 25 6.03 -32.17 -2.11
CA SER B 25 6.01 -32.17 -2.10
C SER B 25 5.66 -31.43 -3.40
N TRP B 26 5.44 -32.22 -4.45
CA TRP B 26 5.10 -31.64 -5.75
C TRP B 26 3.74 -30.95 -5.71
N ASN B 27 2.77 -31.55 -5.01
CA ASN B 27 1.40 -31.06 -4.95
C ASN B 27 1.11 -30.26 -3.69
N SER B 28 2.13 -29.63 -3.10
CA SER B 28 1.92 -28.80 -1.92
C SER B 28 0.97 -27.66 -2.24
N TYR B 29 0.33 -27.12 -1.19
CA TYR B 29 -0.63 -26.03 -1.33
C TYR B 29 -0.84 -25.40 0.04
N VAL B 30 -1.46 -24.22 0.04
CA VAL B 30 -1.65 -23.42 1.25
C VAL B 30 -3.12 -23.42 1.62
N ASP B 31 -3.41 -23.71 2.89
CA ASP B 31 -4.74 -23.51 3.46
C ASP B 31 -4.78 -22.16 4.17
N TYR B 32 -5.78 -21.36 3.82
CA TYR B 32 -6.00 -20.05 4.45
C TYR B 32 -7.17 -20.17 5.42
N LYS B 33 -6.96 -19.69 6.64
CA LYS B 33 -8.06 -19.63 7.60
C LYS B 33 -8.89 -18.37 7.34
N ILE B 34 -10.20 -18.54 7.24
CA ILE B 34 -11.14 -17.43 7.07
C ILE B 34 -11.93 -17.25 8.36
N PHE B 35 -11.77 -16.10 8.99
CA PHE B 35 -12.49 -15.77 10.22
C PHE B 35 -13.61 -14.79 9.92
N LEU B 36 -14.77 -15.02 10.53
CA LEU B 36 -15.96 -14.21 10.30
C LEU B 36 -16.67 -13.95 11.63
N HIS B 37 -17.12 -12.72 11.82
CA HIS B 37 -17.93 -12.37 12.98
C HIS B 37 -18.92 -11.29 12.57
N THR B 38 -20.18 -11.45 12.97
CA THR B 38 -21.21 -10.48 12.65
C THR B 38 -22.47 -10.77 13.45
N ASN B 39 -23.27 -9.73 13.65
CA ASN B 39 -24.62 -9.88 14.17
CA ASN B 39 -24.63 -9.87 14.16
C ASN B 39 -25.66 -9.89 13.05
N SER B 40 -25.21 -9.89 11.79
CA SER B 40 -26.11 -9.93 10.65
C SER B 40 -26.96 -11.20 10.67
N LYS B 41 -28.27 -11.02 10.55
CA LYS B 41 -29.16 -12.17 10.39
C LYS B 41 -28.88 -12.95 9.12
N ALA B 42 -28.11 -12.38 8.19
CA ALA B 42 -27.76 -13.09 6.96
C ALA B 42 -27.00 -14.38 7.26
N PHE B 43 -26.28 -14.43 8.37
CA PHE B 43 -25.43 -15.55 8.72
C PHE B 43 -26.04 -16.34 9.88
N THR B 44 -26.06 -17.67 9.74
CA THR B 44 -26.53 -18.54 10.81
C THR B 44 -25.65 -18.43 12.05
N ALA B 45 -24.35 -18.63 11.88
CA ALA B 45 -23.40 -18.56 12.99
C ALA B 45 -22.82 -17.15 13.09
N LYS B 46 -22.85 -16.59 14.29
CA LYS B 46 -22.28 -15.26 14.49
C LYS B 46 -20.77 -15.27 14.32
N THR B 47 -20.12 -16.39 14.61
CA THR B 47 -18.66 -16.51 14.52
C THR B 47 -18.32 -17.79 13.79
N SER B 48 -17.40 -17.70 12.82
CA SER B 48 -16.93 -18.89 12.12
C SER B 48 -15.44 -18.77 11.82
N CYS B 49 -14.79 -19.92 11.70
CA CYS B 49 -13.40 -19.99 11.29
C CYS B 49 -13.22 -21.28 10.50
N VAL B 50 -12.94 -21.15 9.21
CA VAL B 50 -12.79 -22.30 8.32
C VAL B 50 -11.45 -22.16 7.59
N ARG B 51 -11.06 -23.25 6.91
CA ARG B 51 -9.85 -23.28 6.11
CA ARG B 51 -9.85 -23.28 6.11
C ARG B 51 -10.22 -23.56 4.66
N ARG B 52 -9.68 -22.76 3.74
CA ARG B 52 -9.93 -22.92 2.32
C ARG B 52 -8.64 -22.69 1.56
N ARG B 53 -8.47 -23.42 0.47
CA ARG B 53 -7.32 -23.25 -0.43
C ARG B 53 -7.72 -22.36 -1.60
N TYR B 54 -6.70 -21.86 -2.31
CA TYR B 54 -6.94 -20.89 -3.38
C TYR B 54 -7.85 -21.45 -4.46
N ARG B 55 -7.67 -22.74 -4.81
CA ARG B 55 -8.52 -23.36 -5.82
C ARG B 55 -10.00 -23.26 -5.46
N GLU B 56 -10.33 -23.34 -4.16
CA GLU B 56 -11.72 -23.17 -3.74
C GLU B 56 -12.18 -21.73 -3.88
N PHE B 57 -11.29 -20.76 -3.68
CA PHE B 57 -11.65 -19.37 -3.95
C PHE B 57 -11.97 -19.15 -5.42
N VAL B 58 -11.22 -19.82 -6.32
CA VAL B 58 -11.46 -19.66 -7.75
C VAL B 58 -12.82 -20.21 -8.12
N TRP B 59 -13.20 -21.37 -7.55
CA TRP B 59 -14.53 -21.90 -7.79
C TRP B 59 -15.60 -20.94 -7.27
N LEU B 60 -15.37 -20.36 -6.09
CA LEU B 60 -16.37 -19.46 -5.50
C LEU B 60 -16.59 -18.24 -6.36
N ARG B 61 -15.54 -17.61 -6.87
CA ARG B 61 -15.72 -16.44 -7.71
C ARG B 61 -16.51 -16.78 -8.97
N LYS B 62 -16.29 -17.97 -9.54
CA LYS B 62 -17.06 -18.37 -10.72
C LYS B 62 -18.53 -18.54 -10.38
N GLN B 63 -18.82 -19.06 -9.18
CA GLN B 63 -20.22 -19.18 -8.76
C GLN B 63 -20.84 -17.82 -8.53
N LEU B 64 -20.10 -16.90 -7.91
CA LEU B 64 -20.62 -15.56 -7.66
C LEU B 64 -20.91 -14.83 -8.96
N GLN B 65 -20.12 -15.07 -10.02
CA GLN B 65 -20.28 -14.37 -11.28
C GLN B 65 -21.57 -14.72 -12.00
N ARG B 66 -22.30 -15.73 -11.53
CA ARG B 66 -23.59 -16.11 -12.10
C ARG B 66 -24.76 -15.41 -11.40
N ASN B 67 -24.49 -14.38 -10.60
CA ASN B 67 -25.52 -13.82 -9.74
C ASN B 67 -26.65 -13.21 -10.58
N ALA B 68 -27.85 -13.23 -10.02
CA ALA B 68 -29.03 -12.74 -10.73
C ALA B 68 -29.02 -11.23 -10.92
N GLY B 69 -28.23 -10.50 -10.12
CA GLY B 69 -28.17 -9.06 -10.25
C GLY B 69 -27.26 -8.55 -11.34
N LEU B 70 -26.51 -9.45 -11.98
CA LEU B 70 -25.51 -9.08 -12.98
C LEU B 70 -24.50 -8.07 -12.44
N VAL B 71 -24.18 -8.18 -11.15
CA VAL B 71 -23.25 -7.26 -10.51
C VAL B 71 -21.82 -7.77 -10.72
N PRO B 72 -20.83 -6.88 -10.82
CA PRO B 72 -19.45 -7.36 -10.93
C PRO B 72 -18.98 -7.96 -9.62
N VAL B 73 -18.13 -8.98 -9.74
CA VAL B 73 -17.60 -9.70 -8.59
C VAL B 73 -16.16 -9.28 -8.40
N PRO B 74 -15.75 -8.94 -7.18
CA PRO B 74 -14.36 -8.52 -6.94
C PRO B 74 -13.35 -9.54 -7.45
N GLU B 75 -12.22 -9.02 -7.91
CA GLU B 75 -11.17 -9.86 -8.48
C GLU B 75 -10.35 -10.51 -7.38
N LEU B 76 -9.81 -11.68 -7.70
CA LEU B 76 -8.86 -12.44 -6.91
C LEU B 76 -7.43 -11.98 -7.19
N PRO B 77 -6.53 -12.11 -6.23
CA PRO B 77 -5.11 -11.81 -6.50
C PRO B 77 -4.52 -12.78 -7.49
N GLY B 78 -3.48 -12.33 -8.19
CA GLY B 78 -3.01 -13.04 -9.36
C GLY B 78 -2.05 -14.18 -9.06
N LYS B 79 -2.03 -15.15 -9.97
CA LYS B 79 -1.15 -16.31 -9.89
C LYS B 79 0.32 -15.92 -9.89
N PHE B 82 5.88 -12.24 -9.36
CA PHE B 82 6.31 -11.96 -7.99
C PHE B 82 7.83 -11.88 -7.88
N PHE B 83 8.29 -11.03 -6.96
CA PHE B 83 9.71 -10.91 -6.63
C PHE B 83 9.89 -11.21 -5.15
N GLY B 84 10.43 -12.39 -4.84
CA GLY B 84 10.69 -12.76 -3.47
C GLY B 84 10.45 -14.24 -3.26
N THR B 85 10.24 -14.60 -2.00
CA THR B 85 10.07 -15.99 -1.60
C THR B 85 8.60 -16.39 -1.57
N SER B 86 8.36 -17.68 -1.39
CA SER B 86 6.98 -18.16 -1.29
C SER B 86 6.31 -17.64 -0.02
N ASP B 87 7.04 -17.62 1.10
CA ASP B 87 6.50 -17.04 2.33
C ASP B 87 5.98 -15.63 2.09
N GLU B 88 6.73 -14.83 1.33
CA GLU B 88 6.29 -13.48 1.00
C GLU B 88 5.09 -13.50 0.06
N PHE B 89 5.13 -14.39 -0.94
CA PHE B 89 4.02 -14.53 -1.88
C PHE B 89 2.75 -14.97 -1.17
N ILE B 90 2.87 -15.85 -0.18
CA ILE B 90 1.70 -16.32 0.55
C ILE B 90 1.07 -15.19 1.35
N GLU B 91 1.88 -14.32 1.95
CA GLU B 91 1.33 -13.18 2.68
C GLU B 91 0.63 -12.22 1.73
N LYS B 92 1.25 -11.90 0.60
CA LYS B 92 0.57 -11.23 -0.49
C LYS B 92 -0.84 -11.72 -0.74
N ARG B 93 -0.86 -13.01 -1.10
CA ARG B 93 -2.11 -13.69 -1.47
C ARG B 93 -3.10 -13.58 -0.35
N ARG B 94 -2.65 -13.79 0.89
CA ARG B 94 -3.54 -13.62 2.04
C ARG B 94 -4.21 -12.25 2.02
N GLN B 95 -3.42 -11.19 1.79
CA GLN B 95 -3.99 -9.84 1.74
C GLN B 95 -5.04 -9.73 0.64
N GLY B 96 -4.73 -10.25 -0.55
CA GLY B 96 -5.65 -10.15 -1.66
C GLY B 96 -6.91 -10.98 -1.49
N LEU B 97 -6.82 -12.10 -0.79
CA LEU B 97 -8.01 -12.91 -0.55
C LEU B 97 -8.94 -12.23 0.45
N GLN B 98 -8.37 -11.57 1.47
CA GLN B 98 -9.19 -10.84 2.41
C GLN B 98 -9.87 -9.64 1.74
N HIS B 99 -9.14 -8.94 0.86
CA HIS B 99 -9.75 -7.85 0.11
C HIS B 99 -10.91 -8.33 -0.74
N PHE B 100 -10.73 -9.46 -1.42
CA PHE B 100 -11.82 -10.10 -2.17
C PHE B 100 -13.04 -10.32 -1.29
N LEU B 101 -12.86 -10.99 -0.15
CA LEU B 101 -14.00 -11.30 0.71
C LEU B 101 -14.62 -10.04 1.30
N GLU B 102 -13.78 -9.07 1.73
CA GLU B 102 -14.30 -7.81 2.24
C GLU B 102 -15.22 -7.14 1.22
N LYS B 103 -14.83 -7.15 -0.06
CA LYS B 103 -15.65 -6.51 -1.07
C LYS B 103 -16.86 -7.36 -1.46
N VAL B 104 -16.72 -8.68 -1.47
CA VAL B 104 -17.88 -9.55 -1.70
C VAL B 104 -18.96 -9.31 -0.66
N LEU B 105 -18.57 -9.16 0.61
CA LEU B 105 -19.53 -8.99 1.70
C LEU B 105 -20.14 -7.60 1.77
N GLN B 106 -19.71 -6.67 0.92
CA GLN B 106 -20.36 -5.37 0.81
C GLN B 106 -21.53 -5.38 -0.15
N SER B 107 -21.75 -6.48 -0.87
CA SER B 107 -22.76 -6.55 -1.92
C SER B 107 -23.95 -7.38 -1.41
N VAL B 108 -25.11 -6.75 -1.33
CA VAL B 108 -26.30 -7.42 -0.82
C VAL B 108 -26.67 -8.61 -1.69
N VAL B 109 -26.56 -8.46 -3.01
CA VAL B 109 -26.91 -9.56 -3.90
C VAL B 109 -25.90 -10.71 -3.75
N LEU B 110 -24.60 -10.42 -3.68
CA LEU B 110 -23.63 -11.49 -3.52
C LEU B 110 -23.74 -12.13 -2.14
N LEU B 111 -24.09 -11.34 -1.12
CA LEU B 111 -24.21 -11.85 0.23
C LEU B 111 -25.28 -12.94 0.33
N SER B 112 -26.31 -12.88 -0.51
CA SER B 112 -27.41 -13.83 -0.46
C SER B 112 -27.04 -15.21 -1.00
N ASP B 113 -25.81 -15.40 -1.47
CA ASP B 113 -25.40 -16.66 -2.09
C ASP B 113 -25.23 -17.74 -1.03
N SER B 114 -26.07 -18.78 -1.10
CA SER B 114 -25.97 -19.90 -0.15
C SER B 114 -24.63 -20.62 -0.27
N GLN B 115 -24.08 -20.70 -1.48
CA GLN B 115 -22.78 -21.35 -1.62
C GLN B 115 -21.69 -20.53 -0.95
N LEU B 116 -21.83 -19.20 -0.94
CA LEU B 116 -20.90 -18.37 -0.19
C LEU B 116 -21.00 -18.67 1.30
N HIS B 117 -22.21 -18.82 1.82
CA HIS B 117 -22.39 -19.06 3.25
C HIS B 117 -21.79 -20.40 3.67
N LEU B 118 -21.92 -21.42 2.81
CA LEU B 118 -21.32 -22.71 3.14
C LEU B 118 -19.80 -22.66 3.02
N PHE B 119 -19.30 -21.99 1.98
CA PHE B 119 -17.85 -21.76 1.82
C PHE B 119 -17.26 -21.10 3.07
N LEU B 120 -17.99 -20.17 3.67
CA LEU B 120 -17.47 -19.36 4.75
C LEU B 120 -17.72 -19.95 6.13
N GLN B 121 -18.80 -20.69 6.32
CA GLN B 121 -19.23 -21.09 7.66
C GLN B 121 -19.29 -22.61 7.84
N SER B 122 -18.84 -23.38 6.86
CA SER B 122 -18.71 -24.82 7.00
C SER B 122 -17.44 -25.25 6.30
N GLN B 123 -17.08 -26.51 6.50
CA GLN B 123 -15.96 -27.11 5.79
C GLN B 123 -16.41 -28.23 4.87
N LEU B 124 -17.68 -28.21 4.47
CA LEU B 124 -18.14 -29.06 3.38
C LEU B 124 -17.23 -28.88 2.17
N SER B 125 -16.92 -29.99 1.50
CA SER B 125 -16.18 -29.89 0.25
C SER B 125 -17.01 -29.13 -0.79
N VAL B 126 -16.32 -28.62 -1.83
CA VAL B 126 -17.03 -28.02 -2.95
C VAL B 126 -18.06 -28.97 -3.55
N PRO B 127 -17.76 -30.25 -3.79
CA PRO B 127 -18.85 -31.16 -4.22
C PRO B 127 -19.98 -31.27 -3.21
N GLU B 128 -19.67 -31.25 -1.91
CA GLU B 128 -20.74 -31.32 -0.91
C GLU B 128 -21.58 -30.06 -0.90
N ILE B 129 -20.95 -28.89 -1.05
CA ILE B 129 -21.69 -27.63 -1.14
C ILE B 129 -22.63 -27.67 -2.34
N GLU B 130 -22.14 -28.10 -3.49
CA GLU B 130 -22.98 -28.12 -4.69
C GLU B 130 -24.14 -29.09 -4.52
N ALA B 131 -23.90 -30.22 -3.84
CA ALA B 131 -24.99 -31.17 -3.59
C ALA B 131 -26.02 -30.59 -2.62
N CYS B 132 -25.55 -29.87 -1.60
CA CYS B 132 -26.47 -29.34 -0.60
C CYS B 132 -27.41 -28.31 -1.19
N VAL B 133 -26.87 -27.33 -1.93
CA VAL B 133 -27.70 -26.29 -2.52
C VAL B 133 -28.52 -26.81 -3.70
N SER B 134 -28.20 -28.00 -4.21
CA SER B 134 -29.00 -28.66 -5.23
C SER B 134 -30.02 -29.62 -4.66
N GLY B 135 -30.23 -29.59 -3.34
CA GLY B 135 -31.23 -30.44 -2.71
C GLY B 135 -30.88 -31.92 -2.68
N GLN B 136 -29.61 -32.26 -2.82
CA GLN B 136 -29.20 -33.66 -2.90
C GLN B 136 -28.59 -34.18 -1.59
N THR B 137 -28.73 -33.45 -0.50
CA THR B 137 -28.22 -33.88 0.80
C THR B 137 -29.37 -33.96 1.80
N LYS B 138 -29.12 -34.71 2.87
CA LYS B 138 -30.10 -34.87 3.94
C LYS B 138 -30.20 -33.66 4.87
N TYR B 139 -29.18 -32.81 4.89
CA TYR B 139 -29.16 -31.63 5.72
C TYR B 139 -29.39 -30.38 4.87
N SER B 140 -29.81 -29.31 5.53
CA SER B 140 -29.98 -28.02 4.87
C SER B 140 -28.70 -27.19 5.01
N VAL B 141 -28.72 -26.00 4.41
CA VAL B 141 -27.60 -25.07 4.57
C VAL B 141 -27.42 -24.73 6.05
N GLU B 142 -28.52 -24.39 6.73
CA GLU B 142 -28.44 -23.93 8.10
C GLU B 142 -28.02 -25.05 9.05
N GLU B 143 -28.44 -26.28 8.76
CA GLU B 143 -28.06 -27.40 9.62
C GLU B 143 -26.59 -27.76 9.44
N ALA B 144 -26.08 -27.69 8.21
CA ALA B 144 -24.66 -27.93 7.99
C ALA B 144 -23.81 -26.90 8.71
N ILE B 145 -24.23 -25.63 8.68
CA ILE B 145 -23.47 -24.57 9.33
C ILE B 145 -23.57 -24.70 10.85
N HIS B 146 -24.76 -25.02 11.36
CA HIS B 146 -24.93 -25.20 12.79
C HIS B 146 -24.13 -26.38 13.30
N LYS B 147 -24.09 -27.47 12.53
CA LYS B 147 -23.35 -28.65 12.94
C LYS B 147 -21.85 -28.36 13.01
N PHE B 148 -21.31 -27.61 12.03
CA PHE B 148 -19.90 -27.28 12.06
C PHE B 148 -19.56 -26.35 13.22
N ALA B 149 -20.47 -25.43 13.56
CA ALA B 149 -20.20 -24.54 14.68
C ALA B 149 -20.16 -25.29 16.01
N LEU B 150 -21.03 -26.30 16.17
CA LEU B 150 -20.95 -27.11 17.37
C LEU B 150 -19.67 -27.96 17.39
N MET B 151 -19.19 -28.36 16.22
CA MET B 151 -17.96 -29.14 16.13
C MET B 151 -16.71 -28.29 16.36
N ASN B 152 -16.79 -26.98 16.17
CA ASN B 152 -15.59 -26.16 16.06
C ASN B 152 -15.82 -24.81 16.75
N LEU B 153 -15.06 -24.55 17.81
CA LEU B 153 -15.04 -23.22 18.43
C LEU B 153 -13.63 -22.86 18.89
#